data_1KBC
#
_entry.id   1KBC
#
_cell.length_a   44.700
_cell.length_b   80.800
_cell.length_c   108.100
_cell.angle_alpha   90.00
_cell.angle_beta   90.00
_cell.angle_gamma   90.00
#
_symmetry.space_group_name_H-M   'P 21 21 21'
#
loop_
_entity.id
_entity.type
_entity.pdbx_description
1 polymer 'NEUTROPHIL COLLAGENASE'
2 non-polymer 'CALCIUM ION'
3 non-polymer 'ZINC ION'
4 non-polymer '3-FORMYL-2-HYDROXY-5-METHYL-HEXANOIC ACID HYDROXYAMIDE'
5 non-polymer 3-AMINO-AZACYCLOTRIDECAN-2-ONE
6 water water
#
_entity_poly.entity_id   1
_entity_poly.type   'polypeptide(L)'
_entity_poly.pdbx_seq_one_letter_code
;FMLTPGNPKWERTNLTYRIRNYTPQLSEAEVERAIKDAFELWSVASPLIFTRISQGEADINIAFYQRDHGDNSPFDGPNG
ILAHAFQPGQGIGGDAHFDAEETWTNTSANYNLFLVAAHEFGHSLGLAHSSDPGALMYPNYAFRETSNYSLPQDDIDGIQ
AIYG
;
_entity_poly.pdbx_strand_id   A,B
#
# COMPACT_ATOMS: atom_id res chain seq x y z
N PHE A 1 -14.85 -6.38 -31.77
CA PHE A 1 -14.39 -6.78 -30.41
C PHE A 1 -15.18 -8.02 -30.05
N MET A 2 -14.70 -8.77 -29.07
CA MET A 2 -15.37 -9.99 -28.62
C MET A 2 -15.28 -10.05 -27.11
N LEU A 3 -16.40 -10.38 -26.50
CA LEU A 3 -16.45 -10.49 -25.05
C LEU A 3 -16.12 -11.93 -24.69
N THR A 4 -15.55 -12.13 -23.50
CA THR A 4 -15.22 -13.48 -23.05
C THR A 4 -16.52 -14.27 -22.91
N PRO A 5 -16.55 -15.51 -23.43
CA PRO A 5 -17.78 -16.32 -23.32
C PRO A 5 -18.29 -16.39 -21.89
N GLY A 6 -19.59 -16.20 -21.76
CA GLY A 6 -20.22 -16.20 -20.46
C GLY A 6 -20.30 -14.80 -19.87
N ASN A 7 -19.73 -13.84 -20.59
CA ASN A 7 -19.69 -12.44 -20.17
C ASN A 7 -19.31 -12.18 -18.71
N PRO A 8 -18.15 -12.70 -18.27
CA PRO A 8 -17.74 -12.49 -16.88
C PRO A 8 -17.37 -10.99 -16.72
N LYS A 9 -17.57 -10.45 -15.52
CA LYS A 9 -17.25 -9.03 -15.26
C LYS A 9 -17.13 -8.75 -13.76
N TRP A 10 -16.37 -7.72 -13.43
CA TRP A 10 -16.21 -7.31 -12.05
C TRP A 10 -17.47 -6.55 -11.63
N GLU A 11 -17.92 -6.79 -10.41
CA GLU A 11 -19.11 -6.14 -9.92
C GLU A 11 -18.79 -4.83 -9.27
N ARG A 12 -17.53 -4.65 -8.95
CA ARG A 12 -17.06 -3.44 -8.31
C ARG A 12 -16.16 -2.68 -9.30
N THR A 13 -16.20 -1.34 -9.26
CA THR A 13 -15.40 -0.54 -10.18
C THR A 13 -14.06 -0.07 -9.63
N ASN A 14 -13.85 -0.26 -8.33
CA ASN A 14 -12.58 0.10 -7.73
C ASN A 14 -11.85 -1.20 -7.44
N LEU A 15 -10.81 -1.46 -8.21
CA LEU A 15 -10.04 -2.70 -8.09
C LEU A 15 -8.58 -2.48 -7.67
N THR A 16 -8.03 -3.44 -6.95
CA THR A 16 -6.64 -3.37 -6.55
C THR A 16 -5.78 -4.35 -7.39
N TYR A 17 -4.48 -4.08 -7.42
CA TYR A 17 -3.53 -4.93 -8.12
C TYR A 17 -2.24 -4.98 -7.31
N ARG A 18 -1.49 -6.06 -7.46
CA ARG A 18 -0.24 -6.21 -6.73
C ARG A 18 0.78 -6.86 -7.61
N ILE A 19 2.00 -6.34 -7.60
CA ILE A 19 3.10 -6.91 -8.38
C ILE A 19 3.87 -7.85 -7.43
N ARG A 20 3.67 -9.14 -7.61
CA ARG A 20 4.28 -10.14 -6.74
C ARG A 20 5.75 -10.38 -6.90
N ASN A 21 6.30 -10.16 -8.09
CA ASN A 21 7.73 -10.30 -8.33
C ASN A 21 8.09 -9.47 -9.54
N TYR A 22 9.37 -9.40 -9.84
CA TYR A 22 9.83 -8.55 -10.94
C TYR A 22 10.78 -9.27 -11.88
N THR A 23 10.95 -8.72 -13.07
CA THR A 23 11.91 -9.29 -14.01
C THR A 23 13.24 -8.55 -13.80
N PRO A 24 14.37 -9.27 -13.86
CA PRO A 24 15.67 -8.62 -13.68
C PRO A 24 16.04 -7.70 -14.86
N GLN A 25 15.32 -7.79 -15.98
CA GLN A 25 15.59 -6.97 -17.17
C GLN A 25 15.39 -5.44 -17.01
N LEU A 26 14.51 -5.04 -16.10
CA LEU A 26 14.23 -3.64 -15.90
C LEU A 26 14.32 -3.34 -14.41
N SER A 27 14.36 -2.05 -14.07
CA SER A 27 14.38 -1.63 -12.67
C SER A 27 12.94 -1.78 -12.14
N GLU A 28 12.79 -1.90 -10.82
CA GLU A 28 11.47 -2.04 -10.23
C GLU A 28 10.62 -0.86 -10.59
N ALA A 29 11.25 0.31 -10.66
CA ALA A 29 10.49 1.51 -10.98
C ALA A 29 9.99 1.44 -12.40
N GLU A 30 10.81 0.90 -13.28
CA GLU A 30 10.43 0.79 -14.67
C GLU A 30 9.26 -0.18 -14.85
N VAL A 31 9.27 -1.27 -14.09
CA VAL A 31 8.18 -2.25 -14.16
C VAL A 31 6.90 -1.60 -13.60
N GLU A 32 7.03 -0.95 -12.46
CA GLU A 32 5.89 -0.28 -11.87
C GLU A 32 5.27 0.78 -12.79
N ARG A 33 6.10 1.55 -13.47
CA ARG A 33 5.59 2.56 -14.38
C ARG A 33 4.83 1.96 -15.56
N ALA A 34 5.38 0.89 -16.15
CA ALA A 34 4.75 0.22 -17.29
C ALA A 34 3.36 -0.33 -16.92
N ILE A 35 3.27 -0.95 -15.75
CA ILE A 35 2.01 -1.52 -15.27
C ILE A 35 0.95 -0.45 -15.03
N LYS A 36 1.36 0.64 -14.36
CA LYS A 36 0.48 1.77 -14.05
C LYS A 36 -0.09 2.38 -15.34
N ASP A 37 0.77 2.66 -16.30
CA ASP A 37 0.33 3.22 -17.57
C ASP A 37 -0.65 2.29 -18.30
N ALA A 38 -0.38 0.98 -18.24
CA ALA A 38 -1.24 -0.02 -18.89
C ALA A 38 -2.66 0.06 -18.29
N PHE A 39 -2.75 0.09 -16.96
CA PHE A 39 -4.05 0.20 -16.29
C PHE A 39 -4.74 1.53 -16.65
N GLU A 40 -3.97 2.62 -16.65
CA GLU A 40 -4.55 3.93 -16.99
C GLU A 40 -5.20 3.99 -18.36
N LEU A 41 -4.67 3.26 -19.34
CA LEU A 41 -5.27 3.21 -20.67
C LEU A 41 -6.75 2.80 -20.57
N TRP A 42 -7.01 1.79 -19.75
CA TRP A 42 -8.35 1.27 -19.57
C TRP A 42 -9.22 2.21 -18.75
N SER A 43 -8.59 2.89 -17.80
CA SER A 43 -9.28 3.88 -16.97
C SER A 43 -9.79 5.04 -17.81
N VAL A 44 -9.03 5.52 -18.79
CA VAL A 44 -9.58 6.60 -19.58
C VAL A 44 -10.82 6.20 -20.40
N ALA A 45 -10.98 4.92 -20.71
CA ALA A 45 -12.14 4.49 -21.52
C ALA A 45 -13.26 3.77 -20.80
N SER A 46 -13.22 3.76 -19.47
CA SER A 46 -14.23 3.08 -18.65
C SER A 46 -14.35 3.70 -17.26
N PRO A 47 -15.34 3.27 -16.46
CA PRO A 47 -15.43 3.87 -15.13
C PRO A 47 -14.54 3.19 -14.08
N LEU A 48 -13.67 2.29 -14.52
CA LEU A 48 -12.78 1.56 -13.61
C LEU A 48 -11.58 2.37 -13.08
N ILE A 49 -11.24 2.13 -11.82
CA ILE A 49 -10.10 2.77 -11.19
C ILE A 49 -9.27 1.68 -10.52
N PHE A 50 -7.97 1.70 -10.77
CA PHE A 50 -7.09 0.67 -10.23
C PHE A 50 -6.10 1.21 -9.21
N THR A 51 -5.94 0.50 -8.10
CA THR A 51 -5.02 0.95 -7.05
C THR A 51 -4.00 -0.12 -6.67
N ARG A 52 -2.75 0.28 -6.61
CA ARG A 52 -1.67 -0.61 -6.24
C ARG A 52 -1.62 -0.86 -4.73
N ILE A 53 -1.49 -2.13 -4.33
CA ILE A 53 -1.36 -2.47 -2.91
C ILE A 53 -0.04 -3.23 -2.70
N SER A 54 0.57 -3.03 -1.54
CA SER A 54 1.86 -3.64 -1.26
C SER A 54 1.83 -4.88 -0.36
N GLN A 55 0.67 -5.19 0.19
CA GLN A 55 0.51 -6.36 1.03
C GLN A 55 -0.98 -6.66 1.13
N GLY A 56 -1.32 -7.94 1.23
CA GLY A 56 -2.72 -8.31 1.33
C GLY A 56 -3.17 -8.93 0.03
N GLU A 57 -4.46 -9.23 -0.09
CA GLU A 57 -4.99 -9.83 -1.30
C GLU A 57 -5.53 -8.82 -2.28
N ALA A 58 -4.90 -8.76 -3.45
CA ALA A 58 -5.34 -7.84 -4.49
C ALA A 58 -6.26 -8.56 -5.42
N ASP A 59 -7.11 -7.82 -6.12
CA ASP A 59 -7.99 -8.42 -7.11
C ASP A 59 -7.14 -9.00 -8.26
N ILE A 60 -6.20 -8.20 -8.76
CA ILE A 60 -5.36 -8.63 -9.87
C ILE A 60 -3.91 -8.81 -9.47
N ASN A 61 -3.47 -10.07 -9.40
CA ASN A 61 -2.06 -10.35 -9.08
C ASN A 61 -1.27 -10.38 -10.36
N ILE A 62 -0.10 -9.75 -10.36
CA ILE A 62 0.77 -9.68 -11.52
C ILE A 62 2.05 -10.41 -11.17
N ALA A 63 2.41 -11.38 -11.99
CA ALA A 63 3.63 -12.15 -11.71
C ALA A 63 4.38 -12.65 -12.93
N PHE A 64 5.68 -12.85 -12.75
CA PHE A 64 6.55 -13.37 -13.82
C PHE A 64 6.78 -14.85 -13.48
N TYR A 65 6.44 -15.74 -14.42
CA TYR A 65 6.58 -17.19 -14.25
C TYR A 65 7.23 -17.79 -15.49
N GLN A 66 7.74 -19.03 -15.35
CA GLN A 66 8.39 -19.74 -16.44
C GLN A 66 7.82 -21.17 -16.55
N ARG A 67 7.83 -21.68 -17.79
CA ARG A 67 7.41 -23.04 -18.11
C ARG A 67 6.16 -23.48 -17.33
N ASP A 68 6.20 -24.65 -16.70
CA ASP A 68 5.06 -25.15 -15.95
C ASP A 68 5.03 -24.51 -14.54
N HIS A 69 4.01 -23.68 -14.32
CA HIS A 69 3.85 -23.01 -13.05
C HIS A 69 2.52 -23.32 -12.33
N GLY A 70 1.99 -24.52 -12.60
CA GLY A 70 0.79 -25.01 -11.95
C GLY A 70 -0.60 -24.50 -12.28
N ASP A 71 -0.77 -23.70 -13.33
CA ASP A 71 -2.09 -23.21 -13.69
C ASP A 71 -2.69 -23.81 -14.97
N ASN A 72 -2.05 -24.84 -15.50
CA ASN A 72 -2.53 -25.54 -16.71
C ASN A 72 -2.28 -24.84 -18.04
N SER A 73 -1.51 -23.75 -18.01
CA SER A 73 -1.11 -23.00 -19.21
C SER A 73 0.42 -22.74 -19.12
N PRO A 74 1.23 -23.79 -19.36
CA PRO A 74 2.68 -23.62 -19.28
C PRO A 74 3.27 -22.68 -20.31
N PHE A 75 4.25 -21.89 -19.87
CA PHE A 75 4.97 -21.01 -20.78
C PHE A 75 5.96 -21.87 -21.59
N ASP A 76 6.52 -21.27 -22.62
CA ASP A 76 7.37 -21.95 -23.57
C ASP A 76 8.76 -21.39 -23.84
N GLY A 77 9.38 -20.73 -22.88
CA GLY A 77 10.72 -20.17 -23.13
C GLY A 77 10.69 -18.92 -24.02
N PRO A 78 11.86 -18.43 -24.47
CA PRO A 78 11.92 -17.22 -25.31
C PRO A 78 11.01 -17.25 -26.53
N ASN A 79 10.37 -16.12 -26.80
CA ASN A 79 9.42 -15.95 -27.90
C ASN A 79 8.16 -16.81 -27.74
N GLY A 80 7.54 -17.22 -28.85
CA GLY A 80 6.29 -17.98 -28.74
C GLY A 80 5.29 -17.13 -27.96
N ILE A 81 4.61 -17.74 -26.99
CA ILE A 81 3.65 -16.98 -26.21
C ILE A 81 4.39 -16.13 -25.15
N LEU A 82 3.94 -14.87 -25.04
CA LEU A 82 4.51 -13.87 -24.15
C LEU A 82 3.90 -13.79 -22.77
N ALA A 83 2.58 -13.94 -22.72
CA ALA A 83 1.87 -13.80 -21.44
C ALA A 83 0.43 -14.30 -21.58
N HIS A 84 -0.26 -14.42 -20.44
CA HIS A 84 -1.65 -14.82 -20.39
C HIS A 84 -2.34 -14.23 -19.14
N ALA A 85 -3.67 -14.16 -19.17
CA ALA A 85 -4.45 -13.62 -18.04
C ALA A 85 -5.76 -14.36 -17.90
N PHE A 86 -6.36 -14.26 -16.73
CA PHE A 86 -7.61 -14.98 -16.44
C PHE A 86 -8.80 -14.01 -16.32
N GLN A 87 -9.97 -14.44 -16.79
CA GLN A 87 -11.20 -13.64 -16.75
C GLN A 87 -11.53 -13.22 -15.30
N PRO A 88 -12.41 -12.20 -15.14
CA PRO A 88 -12.85 -11.69 -13.81
C PRO A 88 -13.40 -12.84 -12.94
N GLY A 89 -13.01 -12.84 -11.67
CA GLY A 89 -13.45 -13.87 -10.75
C GLY A 89 -12.59 -13.80 -9.52
N GLN A 90 -12.86 -14.63 -8.52
CA GLN A 90 -12.06 -14.62 -7.32
C GLN A 90 -10.82 -15.51 -7.49
N GLY A 91 -9.88 -15.36 -6.56
CA GLY A 91 -8.67 -16.16 -6.57
C GLY A 91 -7.82 -15.88 -7.79
N ILE A 92 -7.54 -16.92 -8.56
CA ILE A 92 -6.75 -16.77 -9.77
C ILE A 92 -7.43 -15.83 -10.80
N GLY A 93 -8.74 -15.62 -10.63
CA GLY A 93 -9.50 -14.73 -11.50
C GLY A 93 -8.87 -13.33 -11.61
N GLY A 94 -8.87 -12.79 -12.82
CA GLY A 94 -8.27 -11.48 -13.08
C GLY A 94 -6.73 -11.42 -13.08
N ASP A 95 -6.02 -12.44 -12.58
CA ASP A 95 -4.55 -12.40 -12.52
C ASP A 95 -3.83 -12.41 -13.90
N ALA A 96 -2.67 -11.79 -13.95
CA ALA A 96 -1.90 -11.70 -15.18
C ALA A 96 -0.47 -12.29 -15.00
N HIS A 97 -0.08 -13.17 -15.90
CA HIS A 97 1.22 -13.83 -15.80
C HIS A 97 2.08 -13.48 -17.02
N PHE A 98 3.36 -13.16 -16.81
CA PHE A 98 4.26 -12.83 -17.92
C PHE A 98 5.39 -13.86 -17.99
N ASP A 99 5.75 -14.29 -19.20
CA ASP A 99 6.81 -15.29 -19.37
C ASP A 99 8.17 -14.70 -18.95
N ALA A 100 8.71 -15.22 -17.84
CA ALA A 100 9.97 -14.73 -17.26
C ALA A 100 11.19 -14.93 -18.17
N GLU A 101 11.09 -15.81 -19.15
CA GLU A 101 12.20 -16.06 -20.06
C GLU A 101 12.30 -15.09 -21.22
N GLU A 102 11.38 -14.13 -21.34
CA GLU A 102 11.47 -13.15 -22.41
C GLU A 102 12.41 -12.00 -22.00
N THR A 103 12.89 -11.27 -22.99
CA THR A 103 13.67 -10.06 -22.70
C THR A 103 12.60 -8.94 -22.73
N TRP A 104 12.26 -8.43 -21.54
CA TRP A 104 11.26 -7.37 -21.40
C TRP A 104 11.92 -5.98 -21.50
N THR A 105 11.27 -5.06 -22.20
CA THR A 105 11.81 -3.71 -22.41
C THR A 105 10.74 -2.62 -22.21
N ASN A 106 11.21 -1.37 -22.28
CA ASN A 106 10.31 -0.22 -22.26
C ASN A 106 10.65 0.59 -23.51
N THR A 107 11.13 -0.10 -24.54
CA THR A 107 11.54 0.54 -25.80
C THR A 107 10.87 -0.12 -27.00
N SER A 108 11.38 0.15 -28.20
CA SER A 108 10.82 -0.46 -29.42
C SER A 108 11.38 -1.87 -29.65
N ALA A 109 12.42 -2.22 -28.88
CA ALA A 109 12.94 -3.59 -28.94
C ALA A 109 11.89 -4.56 -28.36
N ASN A 110 11.77 -5.73 -29.00
CA ASN A 110 10.96 -6.97 -28.26
C ASN A 110 11.52 -7.26 -26.92
N TYR A 111 10.46 -7.21 -26.12
CA TYR A 111 8.86 -7.18 -26.06
C TYR A 111 8.75 -6.11 -25.03
N ASN A 112 8.02 -5.09 -25.49
CA ASN A 112 7.69 -3.92 -24.70
C ASN A 112 6.64 -4.35 -23.65
N LEU A 113 7.03 -4.29 -22.37
CA LEU A 113 6.16 -4.70 -21.26
C LEU A 113 4.85 -3.92 -21.18
N PHE A 114 4.89 -2.61 -21.40
CA PHE A 114 3.68 -1.80 -21.35
C PHE A 114 2.58 -2.32 -22.30
N LEU A 115 2.93 -2.54 -23.56
CA LEU A 115 1.97 -2.99 -24.57
C LEU A 115 1.44 -4.41 -24.28
N VAL A 116 2.30 -5.29 -23.79
CA VAL A 116 1.88 -6.65 -23.46
C VAL A 116 0.93 -6.60 -22.23
N ALA A 117 1.31 -5.86 -21.18
CA ALA A 117 0.47 -5.74 -19.99
C ALA A 117 -0.90 -5.14 -20.34
N ALA A 118 -0.91 -4.15 -21.22
CA ALA A 118 -2.14 -3.49 -21.62
C ALA A 118 -3.10 -4.53 -22.22
N HIS A 119 -2.58 -5.35 -23.12
CA HIS A 119 -3.33 -6.41 -23.75
C HIS A 119 -3.88 -7.40 -22.69
N GLU A 120 -3.02 -7.85 -21.76
CA GLU A 120 -3.44 -8.80 -20.73
C GLU A 120 -4.58 -8.28 -19.85
N PHE A 121 -4.50 -7.00 -19.46
CA PHE A 121 -5.53 -6.38 -18.62
C PHE A 121 -6.88 -6.35 -19.30
N GLY A 122 -6.89 -6.26 -20.63
CA GLY A 122 -8.14 -6.36 -21.37
C GLY A 122 -8.84 -7.68 -21.01
N HIS A 123 -8.05 -8.77 -20.93
CA HIS A 123 -8.56 -10.10 -20.54
C HIS A 123 -9.01 -10.07 -19.08
N SER A 124 -8.17 -9.50 -18.22
CA SER A 124 -8.47 -9.38 -16.80
C SER A 124 -9.83 -8.72 -16.56
N LEU A 125 -10.27 -7.91 -17.54
CA LEU A 125 -11.52 -7.16 -17.43
C LEU A 125 -12.71 -7.81 -18.10
N GLY A 126 -12.46 -8.89 -18.84
CA GLY A 126 -13.56 -9.60 -19.50
C GLY A 126 -13.57 -9.57 -21.01
N LEU A 127 -12.53 -9.03 -21.63
CA LEU A 127 -12.49 -8.97 -23.08
C LEU A 127 -11.75 -10.18 -23.67
N ALA A 128 -12.19 -10.63 -24.85
CA ALA A 128 -11.56 -11.75 -25.59
C ALA A 128 -10.82 -11.13 -26.81
N HIS A 129 -10.25 -11.96 -27.68
CA HIS A 129 -9.52 -11.43 -28.84
C HIS A 129 -10.34 -10.79 -29.93
N SER A 130 -9.78 -9.76 -30.53
CA SER A 130 -10.45 -9.06 -31.61
C SER A 130 -9.86 -9.52 -32.95
N SER A 131 -10.66 -9.42 -34.02
CA SER A 131 -10.19 -9.78 -35.33
C SER A 131 -9.74 -8.52 -36.07
N ASP A 132 -9.77 -7.36 -35.40
CA ASP A 132 -9.33 -6.11 -36.01
C ASP A 132 -7.83 -6.05 -35.77
N PRO A 133 -7.03 -6.05 -36.86
CA PRO A 133 -5.56 -5.99 -36.73
C PRO A 133 -5.02 -4.70 -36.11
N GLY A 134 -5.87 -3.67 -36.05
CA GLY A 134 -5.47 -2.41 -35.44
C GLY A 134 -5.89 -2.32 -33.98
N ALA A 135 -6.51 -3.38 -33.45
CA ALA A 135 -6.96 -3.41 -32.06
C ALA A 135 -5.89 -3.91 -31.07
N LEU A 136 -5.90 -3.38 -29.85
CA LEU A 136 -4.96 -3.84 -28.83
C LEU A 136 -5.28 -5.31 -28.47
N MET A 137 -6.55 -5.69 -28.54
CA MET A 137 -6.92 -7.07 -28.22
C MET A 137 -6.68 -8.09 -29.35
N TYR A 138 -6.06 -7.64 -30.44
CA TYR A 138 -5.68 -8.51 -31.56
C TYR A 138 -4.66 -9.49 -30.89
N PRO A 139 -4.73 -10.81 -31.22
CA PRO A 139 -3.83 -11.81 -30.62
C PRO A 139 -2.34 -11.88 -30.90
N ASN A 140 -1.81 -10.98 -31.74
CA ASN A 140 -0.37 -10.96 -32.04
C ASN A 140 0.27 -9.66 -31.54
N TYR A 141 1.43 -9.78 -30.92
CA TYR A 141 2.16 -8.61 -30.44
C TYR A 141 2.63 -7.75 -31.63
N ALA A 142 2.61 -6.43 -31.47
CA ALA A 142 3.10 -5.54 -32.50
C ALA A 142 3.43 -4.22 -31.81
N PHE A 143 4.65 -3.74 -32.02
CA PHE A 143 5.06 -2.50 -31.40
C PHE A 143 4.36 -1.30 -32.01
N ARG A 144 3.92 -0.40 -31.15
CA ARG A 144 3.26 0.86 -31.53
C ARG A 144 3.92 1.94 -30.66
N GLU A 145 4.13 3.13 -31.23
CA GLU A 145 4.71 4.26 -30.48
C GLU A 145 3.99 4.36 -29.13
N THR A 146 4.74 4.34 -28.05
CA THR A 146 4.12 4.37 -26.74
C THR A 146 3.91 5.74 -26.05
N SER A 147 4.67 6.76 -26.46
CA SER A 147 4.56 8.11 -25.86
C SER A 147 3.13 8.60 -25.72
N ASN A 148 2.43 8.75 -26.84
CA ASN A 148 1.04 9.16 -26.69
C ASN A 148 0.06 8.13 -27.24
N TYR A 149 0.21 6.91 -26.72
CA TYR A 149 -0.62 5.80 -27.14
C TYR A 149 -1.92 5.84 -26.36
N SER A 150 -3.04 5.64 -27.06
CA SER A 150 -4.34 5.58 -26.39
C SER A 150 -5.06 4.41 -27.02
N LEU A 151 -6.09 3.92 -26.35
CA LEU A 151 -6.86 2.76 -26.79
C LEU A 151 -7.55 2.92 -28.16
N PRO A 152 -7.32 1.99 -29.11
CA PRO A 152 -7.99 2.09 -30.41
C PRO A 152 -9.53 2.00 -30.19
N GLN A 153 -10.32 2.50 -31.14
CA GLN A 153 -11.81 2.51 -31.03
C GLN A 153 -12.44 1.14 -30.74
N ASP A 154 -11.93 0.09 -31.37
CA ASP A 154 -12.47 -1.25 -31.15
C ASP A 154 -12.40 -1.66 -29.69
N ASP A 155 -11.29 -1.34 -29.03
CA ASP A 155 -11.11 -1.68 -27.63
C ASP A 155 -12.03 -0.82 -26.72
N ILE A 156 -12.26 0.43 -27.14
CA ILE A 156 -13.15 1.36 -26.42
C ILE A 156 -14.59 0.81 -26.46
N ASP A 157 -15.05 0.46 -27.66
CA ASP A 157 -16.39 -0.12 -27.86
C ASP A 157 -16.58 -1.36 -26.98
N GLY A 158 -15.52 -2.16 -26.90
CA GLY A 158 -15.51 -3.36 -26.11
C GLY A 158 -15.63 -3.15 -24.61
N ILE A 159 -14.78 -2.33 -23.98
CA ILE A 159 -14.97 -2.17 -22.53
C ILE A 159 -16.26 -1.41 -22.24
N GLN A 160 -16.64 -0.48 -23.11
CA GLN A 160 -17.91 0.27 -22.92
C GLN A 160 -19.05 -0.73 -22.92
N ALA A 161 -18.97 -1.70 -23.84
CA ALA A 161 -19.99 -2.74 -23.94
C ALA A 161 -20.18 -3.44 -22.61
N ILE A 162 -19.10 -3.66 -21.87
CA ILE A 162 -19.20 -4.33 -20.57
C ILE A 162 -19.49 -3.41 -19.37
N TYR A 163 -18.79 -2.30 -19.28
CA TYR A 163 -18.93 -1.43 -18.13
C TYR A 163 -19.58 -0.06 -18.35
N GLY A 164 -19.83 0.29 -19.60
CA GLY A 164 -20.41 1.59 -19.91
C GLY A 164 -21.91 1.62 -19.70
N PHE B 1 1.07 5.81 36.52
CA PHE B 1 0.45 6.03 35.18
C PHE B 1 -0.88 6.72 35.41
N MET B 2 -1.46 7.25 34.35
CA MET B 2 -2.75 7.90 34.42
C MET B 2 -3.55 7.51 33.21
N LEU B 3 -4.80 7.16 33.41
CA LEU B 3 -5.68 6.83 32.28
C LEU B 3 -6.31 8.12 31.75
N THR B 4 -6.58 8.18 30.44
CA THR B 4 -7.20 9.37 29.86
C THR B 4 -8.59 9.53 30.46
N PRO B 5 -8.95 10.78 30.85
CA PRO B 5 -10.27 11.04 31.44
C PRO B 5 -11.42 10.43 30.63
N GLY B 6 -12.29 9.71 31.33
CA GLY B 6 -13.43 9.11 30.68
C GLY B 6 -13.14 7.65 30.33
N ASN B 7 -11.87 7.26 30.51
CA ASN B 7 -11.47 5.88 30.22
C ASN B 7 -11.79 5.39 28.82
N PRO B 8 -11.44 6.17 27.78
CA PRO B 8 -11.73 5.71 26.41
C PRO B 8 -10.80 4.52 26.05
N LYS B 9 -11.32 3.57 25.28
CA LYS B 9 -10.55 2.38 24.87
C LYS B 9 -11.18 1.70 23.65
N TRP B 10 -10.38 0.93 22.93
CA TRP B 10 -10.87 0.23 21.76
C TRP B 10 -11.63 -1.03 22.21
N GLU B 11 -12.69 -1.41 21.50
CA GLU B 11 -13.42 -2.61 21.91
C GLU B 11 -12.87 -3.84 21.19
N ARG B 12 -12.00 -3.62 20.21
CA ARG B 12 -11.37 -4.71 19.48
C ARG B 12 -9.88 -4.75 19.87
N THR B 13 -9.25 -5.91 19.72
CA THR B 13 -7.83 -6.05 20.03
C THR B 13 -6.96 -6.09 18.79
N ASN B 14 -7.57 -6.23 17.62
CA ASN B 14 -6.81 -6.23 16.37
C ASN B 14 -7.14 -4.91 15.69
N LEU B 15 -6.15 -4.03 15.68
CA LEU B 15 -6.29 -2.71 15.13
C LEU B 15 -5.42 -2.55 13.89
N THR B 16 -5.87 -1.72 12.96
CA THR B 16 -5.15 -1.44 11.73
C THR B 16 -4.52 -0.06 11.75
N TYR B 17 -3.47 0.13 10.95
CA TYR B 17 -2.80 1.40 10.85
C TYR B 17 -2.34 1.65 9.42
N ARG B 18 -2.17 2.93 9.10
CA ARG B 18 -1.73 3.34 7.78
C ARG B 18 -0.85 4.59 7.85
N ILE B 19 0.28 4.53 7.19
CA ILE B 19 1.21 5.65 7.13
C ILE B 19 0.79 6.45 5.91
N ARG B 20 0.13 7.58 6.13
CA ARG B 20 -0.39 8.41 5.04
C ARG B 20 0.64 9.20 4.26
N ASN B 21 1.77 9.55 4.89
CA ASN B 21 2.85 10.28 4.23
C ASN B 21 4.13 10.07 4.98
N TYR B 22 5.23 10.56 4.41
CA TYR B 22 6.56 10.38 4.99
C TYR B 22 7.38 11.65 5.14
N THR B 23 8.39 11.59 6.01
CA THR B 23 9.29 12.71 6.16
C THR B 23 10.40 12.34 5.19
N PRO B 24 10.88 13.31 4.40
CA PRO B 24 11.95 13.03 3.43
C PRO B 24 13.34 12.84 4.05
N GLN B 25 13.46 13.08 5.35
CA GLN B 25 14.74 12.95 6.06
C GLN B 25 15.21 11.51 6.26
N LEU B 26 14.31 10.57 6.01
CA LEU B 26 14.61 9.16 6.18
C LEU B 26 13.95 8.42 5.04
N SER B 27 14.41 7.19 4.79
CA SER B 27 13.85 6.35 3.74
C SER B 27 12.50 5.82 4.22
N GLU B 28 11.61 5.51 3.30
CA GLU B 28 10.30 4.98 3.66
C GLU B 28 10.43 3.74 4.55
N ALA B 29 11.43 2.92 4.27
CA ALA B 29 11.66 1.72 5.04
C ALA B 29 12.13 2.09 6.46
N GLU B 30 12.90 3.17 6.60
CA GLU B 30 13.32 3.58 7.93
C GLU B 30 12.12 4.07 8.80
N VAL B 31 11.17 4.77 8.17
CA VAL B 31 9.98 5.24 8.87
C VAL B 31 9.10 4.02 9.23
N GLU B 32 8.88 3.17 8.24
CA GLU B 32 8.07 1.99 8.45
C GLU B 32 8.59 1.11 9.58
N ARG B 33 9.91 0.94 9.65
CA ARG B 33 10.50 0.12 10.70
C ARG B 33 10.33 0.80 12.06
N ALA B 34 10.47 2.13 12.11
CA ALA B 34 10.33 2.87 13.38
C ALA B 34 8.91 2.72 13.91
N ILE B 35 7.93 2.82 13.02
CA ILE B 35 6.51 2.69 13.39
C ILE B 35 6.19 1.27 13.88
N LYS B 36 6.64 0.26 13.12
CA LYS B 36 6.45 -1.14 13.46
C LYS B 36 7.00 -1.48 14.85
N ASP B 37 8.25 -1.11 15.12
CA ASP B 37 8.88 -1.37 16.40
C ASP B 37 8.15 -0.69 17.58
N ALA B 38 7.67 0.54 17.34
CA ALA B 38 6.93 1.28 18.36
C ALA B 38 5.66 0.49 18.75
N PHE B 39 4.89 0.03 17.77
CA PHE B 39 3.68 -0.77 18.02
C PHE B 39 4.01 -2.07 18.76
N GLU B 40 5.12 -2.71 18.38
CA GLU B 40 5.55 -3.98 19.03
C GLU B 40 5.82 -3.82 20.54
N LEU B 41 6.33 -2.66 20.94
CA LEU B 41 6.55 -2.37 22.35
C LEU B 41 5.25 -2.55 23.17
N TRP B 42 4.14 -2.04 22.65
CA TRP B 42 2.85 -2.15 23.30
C TRP B 42 2.26 -3.56 23.19
N SER B 43 2.45 -4.22 22.05
CA SER B 43 1.97 -5.59 21.84
C SER B 43 2.59 -6.64 22.78
N VAL B 44 3.89 -6.57 23.03
CA VAL B 44 4.49 -7.58 23.89
C VAL B 44 3.93 -7.64 25.30
N ALA B 45 3.32 -6.55 25.77
CA ALA B 45 2.77 -6.52 27.13
C ALA B 45 1.25 -6.54 27.19
N SER B 46 0.59 -6.70 26.06
CA SER B 46 -0.87 -6.66 26.03
C SER B 46 -1.49 -7.58 24.99
N PRO B 47 -2.84 -7.71 24.99
CA PRO B 47 -3.44 -8.58 23.98
C PRO B 47 -3.67 -7.85 22.65
N LEU B 48 -3.04 -6.70 22.43
CA LEU B 48 -3.25 -5.94 21.19
C LEU B 48 -2.31 -6.32 20.05
N ILE B 49 -2.88 -6.43 18.84
CA ILE B 49 -2.14 -6.74 17.60
C ILE B 49 -2.40 -5.63 16.59
N PHE B 50 -1.38 -5.24 15.87
CA PHE B 50 -1.51 -4.16 14.91
C PHE B 50 -1.20 -4.62 13.48
N THR B 51 -2.12 -4.34 12.57
CA THR B 51 -1.95 -4.70 11.17
C THR B 51 -1.84 -3.48 10.25
N ARG B 52 -0.76 -3.41 9.49
CA ARG B 52 -0.56 -2.31 8.55
C ARG B 52 -1.39 -2.54 7.29
N ILE B 53 -1.98 -1.48 6.74
CA ILE B 53 -2.77 -1.57 5.51
C ILE B 53 -2.28 -0.51 4.52
N SER B 54 -2.56 -0.69 3.23
CA SER B 54 -2.09 0.22 2.18
C SER B 54 -3.15 1.19 1.65
N GLN B 55 -4.40 0.77 1.69
CA GLN B 55 -5.50 1.61 1.23
C GLN B 55 -6.71 1.35 2.10
N GLY B 56 -7.62 2.31 2.14
CA GLY B 56 -8.82 2.17 2.95
C GLY B 56 -8.71 2.95 4.25
N GLU B 57 -9.62 2.67 5.18
CA GLU B 57 -9.60 3.37 6.47
C GLU B 57 -9.14 2.51 7.63
N ALA B 58 -7.97 2.88 8.16
CA ALA B 58 -7.36 2.20 9.29
C ALA B 58 -7.83 2.85 10.59
N ASP B 59 -7.71 2.15 11.71
CA ASP B 59 -8.11 2.72 12.99
C ASP B 59 -7.13 3.85 13.34
N ILE B 60 -5.85 3.59 13.12
CA ILE B 60 -4.81 4.56 13.44
C ILE B 60 -4.08 5.08 12.20
N ASN B 61 -4.38 6.32 11.85
CA ASN B 61 -3.72 6.96 10.72
C ASN B 61 -2.50 7.69 11.25
N ILE B 62 -1.37 7.55 10.57
CA ILE B 62 -0.09 8.19 10.93
C ILE B 62 0.25 9.19 9.82
N ALA B 63 0.53 10.43 10.19
CA ALA B 63 0.86 11.47 9.21
C ALA B 63 1.79 12.55 9.74
N PHE B 64 2.51 13.18 8.82
CA PHE B 64 3.46 14.27 9.09
C PHE B 64 2.82 15.57 8.57
N TYR B 65 2.61 16.52 9.48
CA TYR B 65 1.97 17.79 9.12
C TYR B 65 2.76 18.99 9.59
N GLN B 66 2.47 20.12 8.94
CA GLN B 66 3.14 21.38 9.25
C GLN B 66 2.11 22.40 9.75
N ARG B 67 2.46 23.16 10.78
CA ARG B 67 1.60 24.22 11.33
C ARG B 67 0.13 23.85 11.39
N ASP B 68 -0.75 24.69 10.84
CA ASP B 68 -2.19 24.44 10.84
C ASP B 68 -2.51 23.35 9.85
N HIS B 69 -3.14 22.28 10.34
CA HIS B 69 -3.49 21.18 9.47
C HIS B 69 -4.92 20.67 9.66
N GLY B 70 -5.80 21.56 10.09
CA GLY B 70 -7.20 21.21 10.22
C GLY B 70 -7.84 20.57 11.43
N ASP B 71 -7.09 20.27 12.48
CA ASP B 71 -7.67 19.63 13.67
C ASP B 71 -7.72 20.49 14.95
N ASN B 72 -7.57 21.79 14.77
CA ASN B 72 -7.57 22.75 15.87
C ASN B 72 -6.36 22.72 16.83
N SER B 73 -5.31 21.98 16.47
CA SER B 73 -4.08 21.94 17.28
C SER B 73 -2.91 22.13 16.32
N PRO B 74 -2.67 23.38 15.89
CA PRO B 74 -1.55 23.54 14.96
C PRO B 74 -0.17 23.28 15.57
N PHE B 75 0.76 22.79 14.73
CA PHE B 75 2.13 22.54 15.17
C PHE B 75 2.85 23.89 15.23
N ASP B 76 4.03 23.90 15.83
CA ASP B 76 4.77 25.13 16.08
C ASP B 76 6.19 25.25 15.50
N GLY B 77 6.47 24.54 14.42
CA GLY B 77 7.80 24.60 13.83
C GLY B 77 8.80 23.78 14.60
N PRO B 78 10.10 23.90 14.30
CA PRO B 78 11.21 23.18 14.94
C PRO B 78 11.18 23.25 16.46
N ASN B 79 11.42 22.10 17.07
CA ASN B 79 11.43 21.93 18.53
C ASN B 79 10.05 22.16 19.12
N GLY B 80 10.00 22.68 20.36
CA GLY B 80 8.70 22.91 21.00
C GLY B 80 7.96 21.59 21.11
N ILE B 81 6.70 21.56 20.70
CA ILE B 81 5.99 20.29 20.77
C ILE B 81 6.27 19.50 19.49
N LEU B 82 6.66 18.25 19.71
CA LEU B 82 7.06 17.32 18.65
C LEU B 82 5.96 16.60 17.88
N ALA B 83 4.91 16.18 18.59
CA ALA B 83 3.82 15.43 17.99
C ALA B 83 2.61 15.40 18.96
N HIS B 84 1.49 14.88 18.46
CA HIS B 84 0.26 14.73 19.26
C HIS B 84 -0.61 13.60 18.71
N ALA B 85 -1.48 13.05 19.55
CA ALA B 85 -2.34 11.94 19.17
C ALA B 85 -3.72 12.11 19.81
N PHE B 86 -4.70 11.35 19.31
CA PHE B 86 -6.05 11.46 19.82
C PHE B 86 -6.52 10.17 20.47
N GLN B 87 -7.37 10.31 21.49
CA GLN B 87 -7.89 9.18 22.25
C GLN B 87 -8.73 8.23 21.37
N PRO B 88 -8.86 6.96 21.80
CA PRO B 88 -9.63 5.95 21.05
C PRO B 88 -11.00 6.46 20.65
N GLY B 89 -11.38 6.27 19.40
CA GLY B 89 -12.68 6.73 18.95
C GLY B 89 -12.70 6.75 17.45
N GLN B 90 -13.82 7.14 16.87
CA GLN B 90 -13.93 7.17 15.41
C GLN B 90 -13.24 8.35 14.77
N GLY B 91 -13.15 8.31 13.45
CA GLY B 91 -12.52 9.36 12.70
C GLY B 91 -11.09 9.62 13.15
N ILE B 92 -10.81 10.85 13.52
CA ILE B 92 -9.46 11.22 13.96
C ILE B 92 -9.04 10.47 15.26
N GLY B 93 -9.97 9.87 15.99
CA GLY B 93 -9.61 9.15 17.20
C GLY B 93 -8.53 8.11 16.94
N GLY B 94 -7.57 7.98 17.86
CA GLY B 94 -6.46 7.04 17.69
C GLY B 94 -5.36 7.51 16.73
N ASP B 95 -5.64 8.53 15.90
CA ASP B 95 -4.65 8.99 14.94
C ASP B 95 -3.45 9.72 15.59
N ALA B 96 -2.28 9.63 14.96
CA ALA B 96 -1.06 10.26 15.46
C ALA B 96 -0.48 11.19 14.41
N HIS B 97 -0.18 12.42 14.82
CA HIS B 97 0.38 13.45 13.94
C HIS B 97 1.78 13.88 14.42
N PHE B 98 2.75 13.88 13.51
CA PHE B 98 4.14 14.27 13.80
C PHE B 98 4.47 15.60 13.14
N ASP B 99 5.13 16.48 13.88
CA ASP B 99 5.49 17.80 13.34
C ASP B 99 6.51 17.64 12.20
N ALA B 100 6.06 17.93 10.97
CA ALA B 100 6.89 17.80 9.78
C ALA B 100 8.14 18.69 9.79
N GLU B 101 8.15 19.72 10.63
CA GLU B 101 9.31 20.62 10.69
C GLU B 101 10.41 20.21 11.65
N GLU B 102 10.31 19.02 12.23
CA GLU B 102 11.35 18.55 13.12
C GLU B 102 12.41 17.80 12.31
N THR B 103 13.53 17.51 12.95
CA THR B 103 14.55 16.73 12.34
C THR B 103 14.28 15.33 12.89
N TRP B 104 13.78 14.45 12.05
CA TRP B 104 13.47 13.09 12.46
C TRP B 104 14.63 12.14 12.19
N THR B 105 15.06 11.42 13.22
CA THR B 105 16.20 10.52 13.09
C THR B 105 15.92 9.11 13.58
N ASN B 106 16.92 8.27 13.39
CA ASN B 106 16.86 6.90 13.86
C ASN B 106 18.14 6.64 14.65
N THR B 107 18.66 7.73 15.22
CA THR B 107 19.88 7.71 16.04
C THR B 107 19.58 8.40 17.38
N SER B 108 20.64 8.69 18.15
CA SER B 108 20.49 9.37 19.43
C SER B 108 20.32 10.87 19.22
N ALA B 109 20.59 11.32 17.99
CA ALA B 109 20.47 12.72 17.63
C ALA B 109 19.02 13.16 17.80
N ASN B 110 18.92 14.53 18.16
CA ASN B 110 17.56 15.00 18.15
C ASN B 110 16.76 15.03 16.93
N TYR B 111 15.61 14.26 16.90
CA TYR B 111 14.49 13.53 17.44
C TYR B 111 14.29 12.11 16.99
N ASN B 112 14.42 11.09 17.82
CA ASN B 112 14.40 9.72 17.38
C ASN B 112 12.93 9.41 17.14
N LEU B 113 12.57 9.13 15.88
CA LEU B 113 11.19 8.85 15.52
C LEU B 113 10.54 7.69 16.28
N PHE B 114 11.30 6.62 16.50
CA PHE B 114 10.82 5.44 17.20
C PHE B 114 10.33 5.82 18.62
N LEU B 115 11.15 6.56 19.36
CA LEU B 115 10.76 6.97 20.71
C LEU B 115 9.52 7.89 20.76
N VAL B 116 9.43 8.81 19.81
CA VAL B 116 8.29 9.75 19.75
C VAL B 116 7.00 9.01 19.39
N ALA B 117 7.09 8.15 18.37
CA ALA B 117 5.94 7.36 17.95
C ALA B 117 5.46 6.44 19.08
N ALA B 118 6.39 5.84 19.81
CA ALA B 118 6.03 4.96 20.91
C ALA B 118 5.21 5.73 21.97
N HIS B 119 5.65 6.96 22.32
CA HIS B 119 4.90 7.78 23.27
C HIS B 119 3.46 8.08 22.74
N GLU B 120 3.37 8.55 21.50
CA GLU B 120 2.08 8.88 20.91
C GLU B 120 1.12 7.70 20.89
N PHE B 121 1.61 6.52 20.55
CA PHE B 121 0.74 5.34 20.52
C PHE B 121 0.13 5.03 21.90
N GLY B 122 0.81 5.43 22.96
CA GLY B 122 0.24 5.27 24.30
C GLY B 122 -1.09 6.03 24.36
N HIS B 123 -1.10 7.26 23.83
CA HIS B 123 -2.31 8.09 23.78
C HIS B 123 -3.37 7.44 22.89
N SER B 124 -2.96 7.01 21.71
CA SER B 124 -3.83 6.34 20.73
C SER B 124 -4.55 5.17 21.41
N LEU B 125 -3.93 4.62 22.44
CA LEU B 125 -4.48 3.48 23.16
C LEU B 125 -5.30 3.78 24.42
N GLY B 126 -5.31 5.04 24.86
CA GLY B 126 -6.08 5.42 26.04
C GLY B 126 -5.32 5.84 27.27
N LEU B 127 -4.01 6.00 27.14
CA LEU B 127 -3.18 6.44 28.26
C LEU B 127 -2.98 7.97 28.26
N ALA B 128 -2.83 8.55 29.45
CA ALA B 128 -2.57 9.97 29.63
C ALA B 128 -1.12 10.10 30.09
N HIS B 129 -0.66 11.29 30.44
CA HIS B 129 0.74 11.44 30.87
C HIS B 129 1.04 10.90 32.26
N SER B 130 2.23 10.32 32.39
CA SER B 130 2.70 9.77 33.66
C SER B 130 3.54 10.80 34.42
N SER B 131 3.53 10.70 35.74
CA SER B 131 4.34 11.60 36.56
C SER B 131 5.71 10.99 36.85
N ASP B 132 5.92 9.73 36.44
CA ASP B 132 7.18 9.02 36.64
C ASP B 132 8.19 9.39 35.54
N PRO B 133 9.28 10.11 35.88
CA PRO B 133 10.25 10.48 34.83
C PRO B 133 10.89 9.35 34.03
N GLY B 134 10.77 8.12 34.52
CA GLY B 134 11.35 7.00 33.80
C GLY B 134 10.39 6.35 32.82
N ALA B 135 9.12 6.70 32.91
CA ALA B 135 8.08 6.14 32.04
C ALA B 135 8.06 6.74 30.62
N LEU B 136 7.67 5.93 29.64
CA LEU B 136 7.56 6.41 28.28
C LEU B 136 6.44 7.47 28.17
N MET B 137 5.40 7.34 28.99
CA MET B 137 4.30 8.31 28.98
C MET B 137 4.57 9.61 29.74
N TYR B 138 5.82 9.86 30.09
CA TYR B 138 6.24 11.11 30.74
C TYR B 138 6.12 12.18 29.62
N PRO B 139 5.58 13.37 29.94
CA PRO B 139 5.38 14.47 28.96
C PRO B 139 6.54 15.15 28.21
N ASN B 140 7.79 14.89 28.61
CA ASN B 140 8.97 15.49 27.96
C ASN B 140 9.82 14.43 27.25
N TYR B 141 10.34 14.77 26.08
CA TYR B 141 11.17 13.87 25.30
C TYR B 141 12.48 13.60 26.00
N ALA B 142 12.95 12.36 25.90
CA ALA B 142 14.23 11.97 26.49
C ALA B 142 14.76 10.83 25.66
N PHE B 143 16.04 10.88 25.30
CA PHE B 143 16.58 9.76 24.54
C PHE B 143 16.97 8.67 25.53
N ARG B 144 16.62 7.45 25.18
CA ARG B 144 16.91 6.28 25.98
C ARG B 144 17.52 5.35 24.92
N GLU B 145 18.60 4.65 25.25
CA GLU B 145 19.24 3.74 24.30
C GLU B 145 18.20 2.85 23.63
N THR B 146 18.19 2.90 22.31
CA THR B 146 17.21 2.17 21.53
C THR B 146 17.43 0.67 21.35
N SER B 147 18.70 0.29 21.18
CA SER B 147 19.09 -1.11 20.95
C SER B 147 18.18 -2.19 21.54
N ASN B 148 18.19 -2.30 22.86
CA ASN B 148 17.40 -3.30 23.54
C ASN B 148 16.37 -2.62 24.43
N TYR B 149 15.64 -1.66 23.86
CA TYR B 149 14.63 -0.92 24.61
C TYR B 149 13.32 -1.69 24.80
N SER B 150 12.79 -1.64 26.02
CA SER B 150 11.53 -2.28 26.31
C SER B 150 10.71 -1.39 27.23
N LEU B 151 9.41 -1.55 27.16
CA LEU B 151 8.47 -0.76 27.95
C LEU B 151 8.72 -0.74 29.46
N PRO B 152 8.82 0.47 30.05
CA PRO B 152 9.04 0.59 31.50
C PRO B 152 7.85 0.00 32.25
N GLN B 153 8.08 -0.39 33.49
CA GLN B 153 7.03 -1.00 34.31
C GLN B 153 5.77 -0.15 34.48
N ASP B 154 5.96 1.17 34.62
CA ASP B 154 4.81 2.06 34.78
C ASP B 154 3.89 1.99 33.58
N ASP B 155 4.46 2.00 32.38
CA ASP B 155 3.68 1.92 31.14
C ASP B 155 3.02 0.53 30.97
N ILE B 156 3.72 -0.53 31.40
CA ILE B 156 3.15 -1.88 31.35
C ILE B 156 1.93 -1.91 32.26
N ASP B 157 2.09 -1.41 33.47
CA ASP B 157 0.98 -1.35 34.42
C ASP B 157 -0.21 -0.57 33.83
N GLY B 158 0.08 0.50 33.10
CA GLY B 158 -0.95 1.29 32.46
C GLY B 158 -1.75 0.54 31.40
N ILE B 159 -1.12 -0.04 30.37
CA ILE B 159 -1.93 -0.76 29.37
C ILE B 159 -2.66 -1.99 29.93
N GLN B 160 -2.07 -2.70 30.90
CA GLN B 160 -2.73 -3.87 31.49
C GLN B 160 -3.99 -3.36 32.17
N ALA B 161 -3.89 -2.21 32.85
CA ALA B 161 -5.05 -1.63 33.55
C ALA B 161 -6.19 -1.38 32.59
N ILE B 162 -5.89 -1.14 31.33
CA ILE B 162 -6.96 -0.91 30.37
C ILE B 162 -7.40 -2.18 29.64
N TYR B 163 -6.42 -2.93 29.13
CA TYR B 163 -6.73 -4.10 28.33
C TYR B 163 -6.48 -5.49 28.92
N GLY B 164 -6.09 -5.55 30.18
CA GLY B 164 -5.83 -6.83 30.81
C GLY B 164 -4.37 -7.26 30.59
#